data_8JBA
#
_entry.id   8JBA
#
_cell.length_a   83.170
_cell.length_b   98.400
_cell.length_c   32.650
_cell.angle_alpha   90.00
_cell.angle_beta   90.00
_cell.angle_gamma   90.00
#
_symmetry.space_group_name_H-M   'P 21 21 2'
#
loop_
_entity.id
_entity.type
_entity.pdbx_description
1 polymer 'Programmed cell death 1 ligand 1'
2 non-polymer '(2~{S})-2-[[3-[[5-[(2-methyl-3-phenyl-phenoxy)methyl]-1,3,4-oxadiazol-2-yl]sulfanylmethyl]phenyl]methylamino]-3-oxidanyl-propanoic acid'
3 water water
#
_entity_poly.entity_id   1
_entity_poly.type   'polypeptide(L)'
_entity_poly.pdbx_seq_one_letter_code
;AFTVTVPKDLYVVEYGSNMTIECKFPVEKQLDLAALIVYWEMEDKNIIQFVHGEEDLKVQHSSYRQRARLLKDQLSLGNA
ALQITDVKLQDAGVYRCMISYGGADYKRITVKVNAPYAAALEHHHHHH
;
_entity_poly.pdbx_strand_id   A,B
#
# COMPACT_ATOMS: atom_id res chain seq x y z
N ALA A 1 -0.84 3.49 -19.29
CA ALA A 1 -0.69 4.04 -17.94
C ALA A 1 0.52 3.44 -17.25
N PHE A 2 0.79 3.91 -16.02
CA PHE A 2 1.92 3.42 -15.23
C PHE A 2 1.43 2.27 -14.37
N THR A 3 1.94 1.07 -14.63
CA THR A 3 1.53 -0.14 -13.92
C THR A 3 2.75 -0.87 -13.40
N VAL A 4 2.73 -1.22 -12.12
CA VAL A 4 3.73 -2.11 -11.54
C VAL A 4 3.25 -3.54 -11.74
N THR A 5 4.15 -4.40 -12.23
CA THR A 5 3.85 -5.81 -12.43
C THR A 5 4.90 -6.66 -11.73
N VAL A 6 4.46 -7.81 -11.22
CA VAL A 6 5.32 -8.76 -10.54
C VAL A 6 5.25 -10.08 -11.27
N PRO A 7 6.37 -10.65 -11.73
CA PRO A 7 6.32 -11.93 -12.44
C PRO A 7 5.70 -13.04 -11.62
N LYS A 8 6.01 -13.11 -10.32
CA LYS A 8 5.47 -14.11 -9.42
C LYS A 8 4.81 -13.41 -8.25
N ASP A 9 3.51 -13.65 -8.07
CA ASP A 9 2.80 -13.15 -6.90
C ASP A 9 2.93 -14.06 -5.69
N LEU A 10 3.55 -15.22 -5.84
CA LEU A 10 3.77 -16.15 -4.73
C LEU A 10 5.19 -16.69 -4.83
N TYR A 11 5.90 -16.67 -3.70
CA TYR A 11 7.21 -17.29 -3.58
C TYR A 11 7.14 -18.36 -2.49
N VAL A 12 7.75 -19.51 -2.77
CA VAL A 12 7.86 -20.61 -1.81
C VAL A 12 9.34 -20.86 -1.60
N VAL A 13 9.85 -20.48 -0.44
CA VAL A 13 11.28 -20.51 -0.17
C VAL A 13 11.55 -21.41 1.04
N GLU A 14 12.80 -21.86 1.14
CA GLU A 14 13.24 -22.72 2.23
C GLU A 14 13.83 -21.88 3.35
N TYR A 15 13.63 -22.35 4.58
CA TYR A 15 14.24 -21.71 5.73
C TYR A 15 15.75 -21.62 5.56
N GLY A 16 16.31 -20.44 5.87
CA GLY A 16 17.74 -20.25 5.82
C GLY A 16 18.31 -19.94 4.45
N SER A 17 17.50 -20.01 3.39
CA SER A 17 17.99 -19.73 2.06
C SER A 17 17.84 -18.24 1.73
N ASN A 18 18.23 -17.86 0.52
CA ASN A 18 18.12 -16.49 0.04
C ASN A 18 17.05 -16.41 -1.04
N MET A 19 16.27 -15.35 -1.02
CA MET A 19 15.23 -15.15 -2.02
C MET A 19 15.32 -13.74 -2.59
N THR A 20 14.90 -13.60 -3.84
CA THR A 20 14.87 -12.31 -4.53
C THR A 20 13.50 -12.17 -5.15
N ILE A 21 12.70 -11.23 -4.63
CA ILE A 21 11.34 -11.00 -5.12
C ILE A 21 11.36 -9.81 -6.06
N GLU A 22 10.84 -10.00 -7.26
CA GLU A 22 10.94 -9.04 -8.34
C GLU A 22 9.70 -8.17 -8.46
N CYS A 23 9.91 -6.94 -8.91
CA CYS A 23 8.86 -5.93 -8.98
C CYS A 23 9.23 -4.99 -10.12
N LYS A 24 8.49 -5.06 -11.22
CA LYS A 24 8.85 -4.38 -12.46
C LYS A 24 8.03 -3.11 -12.66
N PHE A 25 8.68 -2.07 -13.17
CA PHE A 25 8.04 -0.81 -13.52
C PHE A 25 8.66 -0.28 -14.81
N PRO A 26 7.88 0.43 -15.62
CA PRO A 26 8.39 0.88 -16.93
C PRO A 26 9.37 2.04 -16.80
N VAL A 27 10.42 1.98 -17.61
CA VAL A 27 11.42 3.04 -17.73
C VAL A 27 11.47 3.46 -19.19
N GLU A 28 11.22 4.76 -19.44
CA GLU A 28 11.12 5.25 -20.82
C GLU A 28 12.47 5.16 -21.52
N LYS A 29 13.49 5.79 -20.95
CA LYS A 29 14.82 5.81 -21.53
C LYS A 29 15.81 5.32 -20.49
N GLN A 30 16.32 6.24 -19.67
CA GLN A 30 17.21 5.93 -18.57
C GLN A 30 16.57 6.40 -17.28
N LEU A 31 16.83 5.66 -16.20
CA LEU A 31 16.14 5.88 -14.94
C LEU A 31 16.50 7.25 -14.37
N ASP A 32 15.47 8.07 -14.11
CA ASP A 32 15.65 9.38 -13.46
C ASP A 32 15.59 9.14 -11.96
N LEU A 33 16.77 9.07 -11.33
CA LEU A 33 16.84 8.75 -9.91
C LEU A 33 16.14 9.79 -9.05
N ALA A 34 16.13 11.06 -9.47
CA ALA A 34 15.49 12.10 -8.69
C ALA A 34 13.98 11.92 -8.61
N ALA A 35 13.38 11.22 -9.58
CA ALA A 35 11.95 11.02 -9.63
C ALA A 35 11.52 9.66 -9.11
N LEU A 36 12.46 8.80 -8.72
CA LEU A 36 12.14 7.42 -8.36
C LEU A 36 11.94 7.30 -6.84
N ILE A 37 10.85 6.66 -6.46
CA ILE A 37 10.60 6.25 -5.08
C ILE A 37 10.26 4.78 -5.08
N VAL A 38 10.98 4.00 -4.29
CA VAL A 38 10.75 2.56 -4.15
C VAL A 38 10.53 2.28 -2.68
N TYR A 39 9.40 1.65 -2.37
CA TYR A 39 9.05 1.29 -1.00
C TYR A 39 8.74 -0.20 -0.96
N TRP A 40 9.48 -0.95 -0.14
CA TRP A 40 9.22 -2.35 0.14
C TRP A 40 8.74 -2.52 1.57
N GLU A 41 7.70 -3.31 1.75
CA GLU A 41 7.13 -3.53 3.07
C GLU A 41 6.44 -4.89 3.10
N MET A 42 6.42 -5.50 4.28
CA MET A 42 5.58 -6.66 4.53
C MET A 42 4.86 -6.45 5.86
N GLU A 43 3.54 -6.56 5.84
CA GLU A 43 2.70 -6.54 7.03
C GLU A 43 3.05 -5.36 7.95
N ASP A 44 2.98 -4.17 7.37
CA ASP A 44 3.15 -2.87 8.03
C ASP A 44 4.57 -2.63 8.54
N LYS A 45 5.51 -3.54 8.31
CA LYS A 45 6.91 -3.32 8.64
C LYS A 45 7.69 -2.92 7.39
N ASN A 46 8.44 -1.81 7.50
CA ASN A 46 9.25 -1.34 6.39
C ASN A 46 10.51 -2.18 6.23
N ILE A 47 10.80 -2.55 4.98
CA ILE A 47 12.00 -3.30 4.65
C ILE A 47 13.03 -2.41 3.98
N ILE A 48 12.62 -1.68 2.94
CA ILE A 48 13.51 -0.84 2.14
C ILE A 48 12.74 0.40 1.73
N GLN A 49 13.41 1.55 1.79
CA GLN A 49 12.88 2.80 1.23
C GLN A 49 13.97 3.46 0.41
N PHE A 50 13.74 3.59 -0.90
CA PHE A 50 14.72 4.17 -1.82
C PHE A 50 14.16 5.51 -2.30
N VAL A 51 14.72 6.60 -1.78
CA VAL A 51 14.30 7.96 -2.11
C VAL A 51 15.53 8.77 -2.45
N HIS A 52 15.39 9.67 -3.44
CA HIS A 52 16.46 10.59 -3.84
C HIS A 52 17.71 9.82 -4.29
N GLY A 53 17.53 8.66 -4.90
CA GLY A 53 18.69 7.93 -5.39
C GLY A 53 19.51 7.27 -4.30
N GLU A 54 19.00 7.19 -3.08
CA GLU A 54 19.73 6.65 -1.95
C GLU A 54 18.80 5.79 -1.10
N GLU A 55 19.33 4.71 -0.56
CA GLU A 55 18.56 3.90 0.38
C GLU A 55 18.31 4.70 1.65
N ASP A 56 17.10 4.56 2.21
CA ASP A 56 16.76 5.16 3.49
C ASP A 56 16.32 4.05 4.44
N LEU A 57 17.19 3.71 5.39
CA LEU A 57 16.91 2.69 6.40
C LEU A 57 16.49 3.31 7.73
N LYS A 58 16.08 4.58 7.73
CA LYS A 58 15.74 5.27 8.97
C LYS A 58 14.46 4.71 9.59
N VAL A 59 13.57 4.15 8.77
CA VAL A 59 12.32 3.57 9.24
C VAL A 59 12.29 2.06 9.03
N GLN A 60 13.42 1.49 8.62
CA GLN A 60 13.51 0.05 8.42
C GLN A 60 13.33 -0.68 9.75
N HIS A 61 12.44 -1.67 9.76
CA HIS A 61 12.27 -2.51 10.94
C HIS A 61 13.58 -3.18 11.28
N SER A 62 13.81 -3.38 12.58
CA SER A 62 15.12 -3.84 13.04
C SER A 62 15.47 -5.22 12.49
N SER A 63 14.46 -6.07 12.25
CA SER A 63 14.70 -7.41 11.76
C SER A 63 15.31 -7.44 10.35
N TYR A 64 15.16 -6.37 9.58
CA TYR A 64 15.64 -6.37 8.20
C TYR A 64 16.94 -5.61 8.00
N ARG A 65 17.60 -5.16 9.07
CA ARG A 65 18.90 -4.53 8.91
C ARG A 65 19.93 -5.58 8.54
N GLN A 66 20.81 -5.24 7.60
CA GLN A 66 21.91 -6.10 7.16
C GLN A 66 21.43 -7.41 6.57
N ARG A 67 20.13 -7.58 6.38
CA ARG A 67 19.56 -8.81 5.85
C ARG A 67 18.77 -8.59 4.57
N ALA A 68 18.47 -7.33 4.23
CA ALA A 68 17.68 -6.99 3.06
C ALA A 68 18.47 -6.02 2.18
N ARG A 69 18.44 -6.25 0.87
CA ARG A 69 19.09 -5.36 -0.07
C ARG A 69 18.21 -5.13 -1.30
N LEU A 70 18.26 -3.91 -1.81
CA LEU A 70 17.65 -3.56 -3.08
C LEU A 70 18.75 -3.60 -4.13
N LEU A 71 18.59 -4.46 -5.13
CA LEU A 71 19.60 -4.62 -6.17
C LEU A 71 19.60 -3.38 -7.06
N LYS A 72 20.56 -2.48 -6.82
CA LYS A 72 20.55 -1.19 -7.51
C LYS A 72 20.83 -1.35 -9.00
N ASP A 73 21.54 -2.40 -9.40
CA ASP A 73 21.78 -2.62 -10.82
C ASP A 73 20.47 -2.92 -11.54
N GLN A 74 19.58 -3.70 -10.92
CA GLN A 74 18.30 -4.03 -11.54
C GLN A 74 17.36 -2.84 -11.59
N LEU A 75 17.59 -1.81 -10.76
CA LEU A 75 16.71 -0.65 -10.76
C LEU A 75 16.75 0.07 -12.10
N SER A 76 17.95 0.27 -12.66
CA SER A 76 18.07 0.97 -13.93
C SER A 76 17.43 0.19 -15.08
N LEU A 77 17.24 -1.11 -14.91
CA LEU A 77 16.52 -1.93 -15.88
C LEU A 77 15.01 -1.95 -15.62
N GLY A 78 14.52 -1.20 -14.64
CA GLY A 78 13.12 -1.21 -14.30
C GLY A 78 12.67 -2.35 -13.43
N ASN A 79 13.55 -2.86 -12.56
CA ASN A 79 13.24 -4.01 -11.71
C ASN A 79 13.67 -3.66 -10.28
N ALA A 80 12.69 -3.38 -9.43
CA ALA A 80 12.96 -3.18 -8.00
C ALA A 80 13.00 -4.55 -7.35
N ALA A 81 14.20 -5.11 -7.28
CA ALA A 81 14.40 -6.47 -6.77
C ALA A 81 14.86 -6.40 -5.32
N LEU A 82 14.05 -6.95 -4.42
CA LEU A 82 14.40 -7.06 -3.01
C LEU A 82 15.01 -8.42 -2.75
N GLN A 83 16.24 -8.44 -2.26
CA GLN A 83 16.92 -9.66 -1.88
C GLN A 83 16.97 -9.75 -0.36
N ILE A 84 16.46 -10.86 0.17
CA ILE A 84 16.51 -11.15 1.60
C ILE A 84 17.31 -12.43 1.78
N THR A 85 18.40 -12.36 2.52
CA THR A 85 19.25 -13.50 2.81
C THR A 85 18.88 -14.13 4.14
N ASP A 86 19.09 -15.45 4.23
CA ASP A 86 18.83 -16.23 5.44
C ASP A 86 17.36 -16.09 5.86
N VAL A 87 16.49 -16.61 4.99
CA VAL A 87 15.04 -16.45 5.17
C VAL A 87 14.59 -17.16 6.44
N LYS A 88 13.78 -16.47 7.24
CA LYS A 88 13.21 -17.02 8.46
C LYS A 88 11.71 -17.21 8.28
N LEU A 89 11.12 -17.99 9.19
CA LEU A 89 9.67 -18.19 9.16
C LEU A 89 8.93 -16.88 9.40
N GLN A 90 9.53 -15.95 10.13
CA GLN A 90 8.91 -14.64 10.33
C GLN A 90 8.80 -13.86 9.03
N ASP A 91 9.62 -14.19 8.03
CA ASP A 91 9.54 -13.52 6.73
C ASP A 91 8.33 -13.94 5.90
N ALA A 92 7.56 -14.93 6.34
CA ALA A 92 6.38 -15.35 5.61
C ALA A 92 5.23 -14.37 5.82
N GLY A 93 4.55 -14.03 4.74
CA GLY A 93 3.46 -13.09 4.79
C GLY A 93 3.30 -12.36 3.47
N VAL A 94 2.60 -11.23 3.53
CA VAL A 94 2.23 -10.46 2.34
C VAL A 94 3.18 -9.28 2.22
N TYR A 95 3.90 -9.22 1.11
CA TYR A 95 4.81 -8.12 0.79
C TYR A 95 4.15 -7.13 -0.15
N ARG A 96 4.61 -5.89 -0.09
CA ARG A 96 4.15 -4.86 -1.01
C ARG A 96 5.34 -4.07 -1.53
N CYS A 97 5.47 -3.98 -2.85
CA CYS A 97 6.39 -3.03 -3.45
C CYS A 97 5.57 -1.86 -3.97
N MET A 98 5.85 -0.68 -3.45
CA MET A 98 5.21 0.55 -3.85
C MET A 98 6.22 1.40 -4.61
N ILE A 99 5.85 1.83 -5.81
CA ILE A 99 6.77 2.51 -6.72
C ILE A 99 6.10 3.77 -7.26
N SER A 100 6.79 4.90 -7.14
CA SER A 100 6.35 6.16 -7.73
C SER A 100 7.42 6.63 -8.72
N TYR A 101 7.01 6.82 -9.97
CA TYR A 101 7.96 7.21 -11.02
C TYR A 101 7.24 7.75 -12.26
N GLY A 102 6.83 9.02 -12.22
CA GLY A 102 5.94 9.50 -13.27
C GLY A 102 4.56 8.89 -13.17
N GLY A 103 4.25 8.34 -12.01
CA GLY A 103 2.99 7.68 -11.75
C GLY A 103 3.20 6.76 -10.57
N ALA A 104 2.12 6.12 -10.15
CA ALA A 104 2.21 5.31 -8.94
C ALA A 104 1.37 4.05 -9.07
N ASP A 105 1.93 2.95 -8.56
CA ASP A 105 1.23 1.68 -8.50
C ASP A 105 1.92 0.85 -7.43
N TYR A 106 1.30 -0.27 -7.07
CA TYR A 106 1.91 -1.21 -6.16
C TYR A 106 1.37 -2.61 -6.45
N LYS A 107 2.10 -3.62 -5.97
CA LYS A 107 1.68 -5.00 -6.12
C LYS A 107 1.94 -5.77 -4.84
N ARG A 108 1.16 -6.80 -4.63
CA ARG A 108 1.31 -7.67 -3.47
C ARG A 108 2.03 -8.96 -3.87
N ILE A 109 2.86 -9.47 -2.97
CA ILE A 109 3.59 -10.70 -3.19
C ILE A 109 3.53 -11.50 -1.90
N THR A 110 3.04 -12.73 -1.97
CA THR A 110 2.96 -13.61 -0.82
C THR A 110 4.18 -14.52 -0.80
N VAL A 111 4.81 -14.61 0.36
CA VAL A 111 5.95 -15.50 0.55
C VAL A 111 5.55 -16.57 1.55
N LYS A 112 5.66 -17.82 1.14
CA LYS A 112 5.52 -18.96 2.05
C LYS A 112 6.91 -19.55 2.32
N VAL A 113 7.15 -19.89 3.58
CA VAL A 113 8.45 -20.39 4.03
C VAL A 113 8.28 -21.82 4.51
N ASN A 114 8.94 -22.75 3.83
CA ASN A 114 9.04 -24.12 4.30
C ASN A 114 10.22 -24.22 5.26
N ALA A 115 10.04 -24.95 6.34
CA ALA A 115 11.07 -25.05 7.37
C ALA A 115 11.05 -26.45 7.97
N PRO A 116 12.20 -26.96 8.39
CA PRO A 116 12.21 -28.23 9.12
C PRO A 116 11.68 -28.05 10.53
N TYR A 117 11.42 -29.18 11.18
CA TYR A 117 10.76 -29.17 12.49
C TYR A 117 11.56 -28.35 13.50
N ALA A 118 12.89 -28.43 13.45
CA ALA A 118 13.72 -27.73 14.42
C ALA A 118 13.51 -26.22 14.30
N ALA A 119 13.59 -25.69 13.08
CA ALA A 119 13.39 -24.26 12.88
C ALA A 119 11.97 -23.84 13.28
N ALA A 120 10.98 -24.68 12.96
CA ALA A 120 9.61 -24.38 13.36
C ALA A 120 9.46 -24.40 14.87
N LEU A 121 10.14 -25.32 15.54
CA LEU A 121 10.06 -25.41 17.00
C LEU A 121 10.64 -24.17 17.65
N GLU A 122 11.73 -23.64 17.09
CA GLU A 122 12.32 -22.41 17.62
C GLU A 122 11.41 -21.23 17.40
N HIS A 123 10.84 -21.11 16.19
CA HIS A 123 9.85 -20.07 15.92
C HIS A 123 8.65 -20.22 16.83
N HIS A 124 8.26 -21.47 17.12
CA HIS A 124 7.13 -21.74 18.00
C HIS A 124 7.40 -21.32 19.45
N HIS A 125 8.66 -21.12 19.82
CA HIS A 125 9.06 -20.76 21.19
C HIS A 125 8.67 -21.86 22.18
N ALA B 1 10.00 15.20 3.08
CA ALA B 1 9.40 16.42 2.51
C ALA B 1 7.89 16.24 2.31
N PHE B 2 7.52 15.17 1.61
CA PHE B 2 6.12 14.89 1.32
C PHE B 2 5.56 13.99 2.41
N THR B 3 4.58 14.51 3.16
CA THR B 3 3.97 13.78 4.25
C THR B 3 2.45 13.80 4.10
N VAL B 4 1.84 12.62 4.14
CA VAL B 4 0.40 12.49 4.24
C VAL B 4 0.02 12.49 5.71
N THR B 5 -0.98 13.28 6.06
CA THR B 5 -1.47 13.35 7.43
C THR B 5 -2.98 13.12 7.45
N VAL B 6 -3.45 12.50 8.52
CA VAL B 6 -4.86 12.21 8.69
C VAL B 6 -5.33 12.88 9.99
N PRO B 7 -6.34 13.76 9.93
CA PRO B 7 -6.81 14.38 11.18
C PRO B 7 -7.31 13.35 12.18
N LYS B 8 -8.01 12.32 11.71
CA LYS B 8 -8.54 11.27 12.55
C LYS B 8 -8.03 9.92 12.04
N ASP B 9 -7.31 9.20 12.89
CA ASP B 9 -6.93 7.83 12.58
C ASP B 9 -8.00 6.83 12.98
N LEU B 10 -9.06 7.27 13.65
CA LEU B 10 -10.15 6.39 14.05
C LEU B 10 -11.48 7.06 13.80
N TYR B 11 -12.39 6.33 13.15
CA TYR B 11 -13.77 6.75 12.96
C TYR B 11 -14.70 5.73 13.60
N VAL B 12 -15.73 6.22 14.27
CA VAL B 12 -16.77 5.39 14.85
C VAL B 12 -18.09 5.83 14.23
N VAL B 13 -18.64 5.00 13.34
CA VAL B 13 -19.81 5.36 12.56
C VAL B 13 -20.93 4.37 12.81
N GLU B 14 -22.14 4.80 12.48
CA GLU B 14 -23.35 4.01 12.67
C GLU B 14 -23.70 3.23 11.40
N TYR B 15 -24.26 2.05 11.61
CA TYR B 15 -24.77 1.25 10.50
C TYR B 15 -25.80 2.04 9.69
N GLY B 16 -25.67 1.98 8.37
CA GLY B 16 -26.62 2.60 7.47
C GLY B 16 -26.40 4.09 7.22
N SER B 17 -25.48 4.72 7.93
CA SER B 17 -25.18 6.14 7.74
C SER B 17 -24.10 6.30 6.68
N ASN B 18 -23.71 7.55 6.43
CA ASN B 18 -22.66 7.89 5.48
C ASN B 18 -21.44 8.37 6.23
N MET B 19 -20.26 8.00 5.73
CA MET B 19 -19.00 8.37 6.36
C MET B 19 -18.07 8.99 5.32
N THR B 20 -17.22 9.90 5.79
CA THR B 20 -16.24 10.58 4.96
C THR B 20 -14.90 10.51 5.66
N ILE B 21 -13.96 9.77 5.07
CA ILE B 21 -12.63 9.58 5.64
C ILE B 21 -11.68 10.55 4.96
N GLU B 22 -11.04 11.41 5.75
CA GLU B 22 -10.21 12.46 5.19
C GLU B 22 -8.73 12.08 5.28
N CYS B 23 -7.98 12.55 4.30
CA CYS B 23 -6.57 12.19 4.15
C CYS B 23 -5.89 13.35 3.46
N LYS B 24 -5.02 14.06 4.18
CA LYS B 24 -4.46 15.32 3.74
C LYS B 24 -3.06 15.15 3.17
N PHE B 25 -2.78 15.90 2.10
CA PHE B 25 -1.47 15.93 1.47
C PHE B 25 -1.17 17.36 1.06
N PRO B 26 0.10 17.76 1.07
CA PRO B 26 0.43 19.17 0.79
C PRO B 26 0.32 19.52 -0.68
N VAL B 27 -0.26 20.69 -0.95
CA VAL B 27 -0.30 21.26 -2.29
C VAL B 27 0.29 22.66 -2.20
N GLU B 28 1.41 22.88 -2.89
CA GLU B 28 2.11 24.16 -2.76
C GLU B 28 1.37 25.29 -3.43
N LYS B 29 1.04 25.14 -4.71
CA LYS B 29 0.42 26.22 -5.46
C LYS B 29 -0.90 25.80 -6.11
N GLN B 30 -0.83 25.23 -7.31
CA GLN B 30 -2.02 24.79 -8.03
C GLN B 30 -1.94 23.29 -8.23
N LEU B 31 -3.09 22.62 -8.13
CA LEU B 31 -3.12 21.16 -8.17
C LEU B 31 -2.78 20.66 -9.56
N ASP B 32 -1.74 19.82 -9.64
CA ASP B 32 -1.36 19.15 -10.87
C ASP B 32 -2.08 17.81 -10.92
N LEU B 33 -3.20 17.76 -11.64
CA LEU B 33 -3.96 16.52 -11.72
C LEU B 33 -3.18 15.41 -12.40
N ALA B 34 -2.33 15.75 -13.36
CA ALA B 34 -1.54 14.74 -14.05
C ALA B 34 -0.53 14.07 -13.15
N ALA B 35 -0.11 14.72 -12.06
CA ALA B 35 0.88 14.17 -11.15
C ALA B 35 0.28 13.51 -9.91
N LEU B 36 -1.04 13.56 -9.75
CA LEU B 36 -1.70 13.06 -8.55
C LEU B 36 -2.18 11.64 -8.77
N ILE B 37 -1.84 10.75 -7.84
CA ILE B 37 -2.37 9.39 -7.80
C ILE B 37 -2.89 9.15 -6.38
N VAL B 38 -4.15 8.74 -6.27
CA VAL B 38 -4.79 8.48 -4.98
C VAL B 38 -5.35 7.07 -4.99
N TYR B 39 -4.99 6.29 -3.97
CA TYR B 39 -5.47 4.93 -3.79
C TYR B 39 -6.14 4.83 -2.44
N TRP B 40 -7.40 4.42 -2.43
CA TRP B 40 -8.11 4.08 -1.19
C TRP B 40 -8.34 2.58 -1.17
N GLU B 41 -8.00 1.94 -0.06
CA GLU B 41 -8.18 0.50 0.05
C GLU B 41 -8.31 0.14 1.52
N MET B 42 -9.01 -0.95 1.78
CA MET B 42 -9.06 -1.54 3.10
C MET B 42 -8.84 -3.05 2.97
N GLU B 43 -7.88 -3.57 3.74
CA GLU B 43 -7.61 -5.00 3.83
C GLU B 43 -7.44 -5.63 2.46
N ASP B 44 -6.53 -5.04 1.67
CA ASP B 44 -6.12 -5.52 0.36
C ASP B 44 -7.26 -5.47 -0.67
N LYS B 45 -8.41 -4.94 -0.31
CA LYS B 45 -9.50 -4.71 -1.24
C LYS B 45 -9.43 -3.28 -1.72
N ASN B 46 -9.35 -3.08 -3.03
CA ASN B 46 -9.25 -1.73 -3.57
C ASN B 46 -10.62 -1.06 -3.56
N ILE B 47 -10.66 0.18 -3.07
CA ILE B 47 -11.88 0.97 -3.02
C ILE B 47 -11.92 2.02 -4.11
N ILE B 48 -10.85 2.79 -4.24
CA ILE B 48 -10.79 3.92 -5.17
C ILE B 48 -9.39 3.99 -5.76
N GLN B 49 -9.31 4.23 -7.06
CA GLN B 49 -8.05 4.53 -7.74
C GLN B 49 -8.27 5.78 -8.58
N PHE B 50 -7.58 6.85 -8.23
CA PHE B 50 -7.73 8.15 -8.87
C PHE B 50 -6.44 8.48 -9.61
N VAL B 51 -6.46 8.40 -10.94
CA VAL B 51 -5.31 8.73 -11.78
C VAL B 51 -5.78 9.66 -12.88
N HIS B 52 -4.97 10.69 -13.18
CA HIS B 52 -5.23 11.63 -14.26
C HIS B 52 -6.60 12.30 -14.15
N GLY B 53 -6.98 12.62 -12.92
CA GLY B 53 -8.20 13.38 -12.65
C GLY B 53 -9.51 12.63 -12.76
N GLU B 54 -9.49 11.30 -12.82
CA GLU B 54 -10.72 10.53 -12.92
C GLU B 54 -10.62 9.27 -12.08
N GLU B 55 -11.74 8.88 -11.48
CA GLU B 55 -11.83 7.62 -10.76
C GLU B 55 -11.72 6.44 -11.73
N ASP B 56 -11.08 5.37 -11.28
CA ASP B 56 -11.03 4.11 -12.01
C ASP B 56 -11.72 3.07 -11.15
N LEU B 57 -12.93 2.68 -11.54
CA LEU B 57 -13.69 1.67 -10.82
C LEU B 57 -13.58 0.29 -11.46
N LYS B 58 -12.61 0.12 -12.38
CA LYS B 58 -12.41 -1.15 -13.03
C LYS B 58 -11.82 -2.19 -12.08
N VAL B 59 -11.10 -1.75 -11.06
CA VAL B 59 -10.47 -2.64 -10.10
C VAL B 59 -11.08 -2.50 -8.72
N GLN B 60 -12.15 -1.75 -8.58
CA GLN B 60 -12.81 -1.59 -7.29
C GLN B 60 -13.41 -2.92 -6.85
N HIS B 61 -13.12 -3.32 -5.61
CA HIS B 61 -13.70 -4.53 -5.05
C HIS B 61 -15.22 -4.43 -5.04
N SER B 62 -15.88 -5.58 -5.24
CA SER B 62 -17.32 -5.59 -5.45
C SER B 62 -18.11 -5.11 -4.25
N SER B 63 -17.59 -5.33 -3.02
CA SER B 63 -18.33 -4.94 -1.83
C SER B 63 -18.53 -3.44 -1.74
N TYR B 64 -17.71 -2.66 -2.45
CA TYR B 64 -17.78 -1.21 -2.45
C TYR B 64 -18.44 -0.65 -3.70
N ARG B 65 -19.12 -1.49 -4.47
CA ARG B 65 -19.80 -1.03 -5.68
C ARG B 65 -20.93 -0.08 -5.33
N GLN B 66 -21.06 0.99 -6.13
CA GLN B 66 -22.14 1.97 -6.05
C GLN B 66 -22.18 2.72 -4.72
N ARG B 67 -21.20 2.50 -3.83
CA ARG B 67 -21.23 3.13 -2.52
C ARG B 67 -20.01 3.98 -2.19
N ALA B 68 -18.94 3.93 -2.97
CA ALA B 68 -17.71 4.62 -2.63
C ALA B 68 -17.36 5.63 -3.72
N ARG B 69 -17.03 6.85 -3.30
CA ARG B 69 -16.63 7.91 -4.22
C ARG B 69 -15.56 8.76 -3.57
N LEU B 70 -14.65 9.28 -4.40
CA LEU B 70 -13.67 10.25 -3.97
C LEU B 70 -14.18 11.66 -4.25
N LEU B 71 -14.29 12.48 -3.20
CA LEU B 71 -14.80 13.84 -3.34
C LEU B 71 -13.74 14.67 -4.07
N LYS B 72 -13.97 14.87 -5.37
CA LYS B 72 -12.95 15.50 -6.22
C LYS B 72 -12.75 16.97 -5.91
N ASP B 73 -13.77 17.64 -5.37
CA ASP B 73 -13.63 19.06 -5.06
C ASP B 73 -12.58 19.30 -3.98
N GLN B 74 -12.53 18.42 -2.98
CA GLN B 74 -11.58 18.58 -1.88
C GLN B 74 -10.13 18.36 -2.30
N LEU B 75 -9.91 17.75 -3.47
CA LEU B 75 -8.55 17.43 -3.89
C LEU B 75 -7.70 18.69 -4.06
N SER B 76 -8.26 19.74 -4.65
CA SER B 76 -7.49 20.97 -4.84
C SER B 76 -7.12 21.64 -3.51
N LEU B 77 -7.82 21.30 -2.44
CA LEU B 77 -7.48 21.78 -1.10
C LEU B 77 -6.48 20.89 -0.40
N GLY B 78 -5.98 19.85 -1.05
CA GLY B 78 -5.06 18.93 -0.41
C GLY B 78 -5.74 17.92 0.48
N ASN B 79 -6.97 17.53 0.14
CA ASN B 79 -7.77 16.64 0.98
C ASN B 79 -8.33 15.52 0.13
N ALA B 80 -7.78 14.32 0.28
CA ALA B 80 -8.31 13.11 -0.36
C ALA B 80 -9.39 12.55 0.55
N ALA B 81 -10.64 12.92 0.28
CA ALA B 81 -11.77 12.53 1.11
C ALA B 81 -12.49 11.35 0.47
N LEU B 82 -12.50 10.21 1.17
CA LEU B 82 -13.23 9.04 0.73
C LEU B 82 -14.60 9.05 1.40
N GLN B 83 -15.66 9.05 0.61
CA GLN B 83 -17.02 8.98 1.13
C GLN B 83 -17.60 7.60 0.86
N ILE B 84 -18.08 6.96 1.92
CA ILE B 84 -18.76 5.67 1.84
C ILE B 84 -20.20 5.90 2.30
N THR B 85 -21.15 5.62 1.41
CA THR B 85 -22.56 5.76 1.72
C THR B 85 -23.12 4.41 2.17
N ASP B 86 -24.11 4.45 3.06
CA ASP B 86 -24.76 3.25 3.58
C ASP B 86 -23.74 2.30 4.21
N VAL B 87 -23.15 2.78 5.30
CA VAL B 87 -22.07 2.05 5.94
C VAL B 87 -22.58 0.70 6.43
N LYS B 88 -21.83 -0.35 6.11
CA LYS B 88 -22.15 -1.71 6.51
C LYS B 88 -21.14 -2.20 7.55
N LEU B 89 -21.50 -3.29 8.22
CA LEU B 89 -20.59 -3.88 9.19
C LEU B 89 -19.31 -4.37 8.53
N GLN B 90 -19.39 -4.76 7.26
CA GLN B 90 -18.19 -5.16 6.52
C GLN B 90 -17.22 -4.00 6.34
N ASP B 91 -17.71 -2.76 6.42
CA ASP B 91 -16.86 -1.59 6.25
C ASP B 91 -15.94 -1.37 7.45
N ALA B 92 -16.08 -2.14 8.52
CA ALA B 92 -15.20 -2.01 9.66
C ALA B 92 -13.86 -2.68 9.36
N GLY B 93 -12.78 -2.00 9.72
CA GLY B 93 -11.45 -2.52 9.50
C GLY B 93 -10.47 -1.38 9.31
N VAL B 94 -9.30 -1.73 8.76
CA VAL B 94 -8.20 -0.79 8.60
C VAL B 94 -8.17 -0.34 7.15
N TYR B 95 -8.31 0.97 6.94
CA TYR B 95 -8.25 1.59 5.63
C TYR B 95 -6.87 2.18 5.40
N ARG B 96 -6.51 2.32 4.13
CA ARG B 96 -5.25 2.94 3.74
C ARG B 96 -5.51 3.91 2.60
N CYS B 97 -5.08 5.15 2.77
CA CYS B 97 -5.02 6.11 1.67
C CYS B 97 -3.57 6.22 1.24
N MET B 98 -3.30 5.88 -0.01
CA MET B 98 -1.97 5.98 -0.60
C MET B 98 -2.00 7.12 -1.60
N ILE B 99 -1.06 8.05 -1.47
CA ILE B 99 -1.07 9.28 -2.25
C ILE B 99 0.31 9.49 -2.86
N SER B 100 0.35 9.71 -4.16
CA SER B 100 1.56 10.10 -4.87
C SER B 100 1.32 11.46 -5.52
N TYR B 101 2.18 12.41 -5.20
CA TYR B 101 2.08 13.79 -5.70
C TYR B 101 3.45 14.45 -5.52
N GLY B 102 4.34 14.22 -6.47
CA GLY B 102 5.75 14.50 -6.27
C GLY B 102 6.32 13.44 -5.36
N GLY B 103 6.12 13.61 -4.06
CA GLY B 103 6.50 12.59 -3.10
C GLY B 103 5.41 11.55 -2.97
N ALA B 104 5.66 10.56 -2.10
CA ALA B 104 4.71 9.46 -1.94
C ALA B 104 4.66 9.08 -0.47
N ASP B 105 3.45 8.85 0.03
CA ASP B 105 3.24 8.43 1.41
C ASP B 105 1.88 7.77 1.52
N TYR B 106 1.64 7.14 2.67
CA TYR B 106 0.34 6.57 2.95
C TYR B 106 0.10 6.55 4.46
N LYS B 107 -1.17 6.45 4.83
CA LYS B 107 -1.57 6.43 6.24
C LYS B 107 -2.68 5.40 6.42
N ARG B 108 -2.79 4.89 7.64
CA ARG B 108 -3.82 3.94 8.01
C ARG B 108 -4.93 4.63 8.81
N ILE B 109 -6.17 4.20 8.60
CA ILE B 109 -7.32 4.74 9.29
C ILE B 109 -8.23 3.58 9.68
N THR B 110 -8.54 3.47 10.96
CA THR B 110 -9.39 2.40 11.48
C THR B 110 -10.84 2.87 11.58
N VAL B 111 -11.76 2.04 11.09
CA VAL B 111 -13.20 2.29 11.18
C VAL B 111 -13.84 1.22 12.04
N LYS B 112 -14.54 1.63 13.08
CA LYS B 112 -15.43 0.77 13.84
C LYS B 112 -16.88 1.12 13.53
N VAL B 113 -17.72 0.10 13.37
CA VAL B 113 -19.11 0.27 12.99
C VAL B 113 -20.01 -0.22 14.12
N ASN B 114 -20.80 0.68 14.68
CA ASN B 114 -21.84 0.33 15.64
C ASN B 114 -23.13 -0.04 14.89
N ALA B 115 -23.82 -1.05 15.38
CA ALA B 115 -25.01 -1.55 14.70
C ALA B 115 -26.04 -2.02 15.72
N PRO B 116 -27.33 -1.90 15.39
CA PRO B 116 -28.37 -2.51 16.22
C PRO B 116 -28.35 -4.02 16.06
N TYR B 117 -29.04 -4.71 16.98
CA TYR B 117 -28.97 -6.16 17.02
C TYR B 117 -29.41 -6.79 15.70
N ALA B 118 -30.46 -6.24 15.08
CA ALA B 118 -30.98 -6.83 13.85
C ALA B 118 -29.94 -6.82 12.73
N ALA B 119 -29.33 -5.66 12.48
CA ALA B 119 -28.32 -5.57 11.44
C ALA B 119 -27.11 -6.45 11.76
N ALA B 120 -26.70 -6.47 13.03
CA ALA B 120 -25.58 -7.33 13.43
C ALA B 120 -25.96 -8.80 13.27
N LEU B 121 -27.22 -9.14 13.56
CA LEU B 121 -27.63 -10.54 13.48
C LEU B 121 -27.61 -11.03 12.04
N GLU B 122 -27.99 -10.18 11.10
CA GLU B 122 -27.99 -10.58 9.70
C GLU B 122 -26.58 -10.73 9.17
N HIS B 123 -25.69 -9.80 9.53
CA HIS B 123 -24.28 -9.92 9.16
C HIS B 123 -23.66 -11.20 9.72
N HIS B 124 -24.09 -11.61 10.91
CA HIS B 124 -23.56 -12.83 11.50
C HIS B 124 -23.98 -14.08 10.73
N HIS B 125 -25.01 -13.98 9.90
CA HIS B 125 -25.48 -15.12 9.11
C HIS B 125 -25.54 -14.76 7.63
#